data_5Z9E
#
_entry.id   5Z9E
#
_cell.length_a   61.379
_cell.length_b   68.558
_cell.length_c   102.701
_cell.angle_alpha   90.00
_cell.angle_beta   90.00
_cell.angle_gamma   90.00
#
_symmetry.space_group_name_H-M   'P 21 21 21'
#
loop_
_entity.id
_entity.type
_entity.pdbx_description
1 polymer 'DNA gyrase subunit B'
2 non-polymer 'PHOSPHATE ION'
3 non-polymer 'butyl 4-hydroxybenzoate'
4 non-polymer 1H-benzimidazol-2-amine
5 water water
#
_entity_poly.entity_id   1
_entity_poly.type   'polypeptide(L)'
_entity_poly.pdbx_seq_one_letter_code
;GLDAVRKRPGMYIGDTDDGTGLHHMVFEVVDNAIDEALAGHCKEIIVTIHADNSVSVQDDGRGIPTGIHPEEGVSAAEVI
MTVLHAGGKFDDNSYKVSGGLHGVGVSVVNALSQKLELVIQREGKIHRQIYEHGVPQAPLAVTGETEKTGTMVRFWPSLE
TFTNVTEFEYEILAKRLRELSFLNSGVSIRLRDKRDGKEDHFHYEGG
;
_entity_poly.pdbx_strand_id   A,B
#
# COMPACT_ATOMS: atom_id res chain seq x y z
N LEU A 2 -7.47 -4.66 -1.23
CA LEU A 2 -7.63 -3.28 -0.70
C LEU A 2 -7.17 -2.10 -1.60
N ASP A 3 -6.59 -2.39 -2.77
CA ASP A 3 -6.12 -1.32 -3.67
C ASP A 3 -7.22 -0.35 -4.12
N ALA A 4 -8.47 -0.81 -4.30
CA ALA A 4 -9.55 0.12 -4.65
C ALA A 4 -9.79 1.18 -3.56
N VAL A 5 -9.62 0.79 -2.29
CA VAL A 5 -9.76 1.71 -1.16
C VAL A 5 -8.61 2.69 -1.13
N ARG A 6 -7.40 2.19 -1.32
CA ARG A 6 -6.21 3.04 -1.28
C ARG A 6 -6.27 4.09 -2.39
N LYS A 7 -6.79 3.71 -3.54
CA LYS A 7 -6.88 4.61 -4.68
C LYS A 7 -7.85 5.78 -4.47
N ARG A 8 -8.97 5.55 -3.79
CA ARG A 8 -9.99 6.57 -3.57
C ARG A 8 -10.49 6.56 -2.13
N PRO A 9 -9.62 6.90 -1.16
CA PRO A 9 -10.01 6.69 0.25
C PRO A 9 -11.28 7.46 0.67
N GLY A 10 -11.43 8.68 0.18
CA GLY A 10 -12.60 9.52 0.47
C GLY A 10 -13.95 8.91 0.10
N MET A 11 -13.96 8.11 -0.97
CA MET A 11 -15.17 7.43 -1.43
C MET A 11 -15.61 6.30 -0.51
N TYR A 12 -14.70 5.77 0.31
CA TYR A 12 -15.03 4.71 1.24
C TYR A 12 -15.23 5.22 2.67
N ILE A 13 -14.38 6.13 3.12
CA ILE A 13 -14.37 6.54 4.52
C ILE A 13 -14.94 7.94 4.78
N GLY A 14 -15.05 8.77 3.75
CA GLY A 14 -15.45 10.16 3.93
C GLY A 14 -14.27 11.10 3.79
N ASP A 15 -14.55 12.39 3.89
CA ASP A 15 -13.58 13.43 3.57
C ASP A 15 -12.31 13.28 4.38
N THR A 16 -11.18 13.14 3.71
CA THR A 16 -9.91 12.86 4.37
C THR A 16 -9.16 14.12 4.81
N ASP A 17 -9.74 15.32 4.57
CA ASP A 17 -9.12 16.59 4.93
C ASP A 17 -9.79 17.35 6.08
N ASP A 18 -11.09 17.16 6.32
CA ASP A 18 -11.81 17.98 7.31
C ASP A 18 -12.12 17.27 8.64
N GLY A 19 -11.57 16.07 8.82
CA GLY A 19 -11.83 15.27 10.01
C GLY A 19 -12.97 14.27 9.92
N THR A 20 -13.82 14.37 8.90
CA THR A 20 -14.94 13.44 8.72
C THR A 20 -14.46 11.98 8.66
N GLY A 21 -13.62 11.72 7.67
CA GLY A 21 -13.08 10.38 7.44
C GLY A 21 -12.31 9.86 8.64
N LEU A 22 -11.50 10.73 9.23
CA LEU A 22 -10.67 10.34 10.38
C LEU A 22 -11.50 9.76 11.53
N HIS A 23 -12.61 10.43 11.84
CA HIS A 23 -13.49 9.97 12.91
C HIS A 23 -14.36 8.77 12.52
N HIS A 24 -14.76 8.73 11.25
CA HIS A 24 -15.47 7.57 10.71
C HIS A 24 -14.67 6.28 10.87
N MET A 25 -13.34 6.38 10.85
CA MET A 25 -12.46 5.20 11.08
C MET A 25 -12.77 4.57 12.43
N VAL A 26 -12.91 5.41 13.46
CA VAL A 26 -13.29 4.90 14.78
C VAL A 26 -14.68 4.28 14.74
N PHE A 27 -15.63 4.97 14.10
CA PHE A 27 -17.03 4.50 14.14
C PHE A 27 -17.20 3.14 13.46
N GLU A 28 -16.43 2.88 12.41
CA GLU A 28 -16.49 1.56 11.76
C GLU A 28 -16.02 0.45 12.68
N VAL A 29 -14.95 0.70 13.40
CA VAL A 29 -14.42 -0.31 14.33
C VAL A 29 -15.44 -0.51 15.46
N VAL A 30 -15.96 0.59 15.98
CA VAL A 30 -16.96 0.53 17.06
C VAL A 30 -18.21 -0.28 16.66
N ASP A 31 -18.68 -0.13 15.43
CA ASP A 31 -19.83 -0.92 14.97
C ASP A 31 -19.58 -2.42 15.14
N ASN A 32 -18.38 -2.86 14.78
CA ASN A 32 -18.05 -4.26 14.88
C ASN A 32 -17.90 -4.69 16.33
N ALA A 33 -17.31 -3.81 17.15
CA ALA A 33 -17.14 -4.08 18.57
C ALA A 33 -18.49 -4.21 19.29
N ILE A 34 -19.45 -3.37 18.93
CA ILE A 34 -20.77 -3.43 19.55
C ILE A 34 -21.47 -4.75 19.18
N ASP A 35 -21.42 -5.16 17.90
CA ASP A 35 -21.93 -6.47 17.46
C ASP A 35 -21.34 -7.61 18.30
N GLU A 36 -20.03 -7.55 18.53
CA GLU A 36 -19.33 -8.56 19.31
C GLU A 36 -19.75 -8.55 20.78
N ALA A 37 -19.84 -7.37 21.37
CA ALA A 37 -20.22 -7.24 22.76
C ALA A 37 -21.63 -7.76 23.02
N LEU A 38 -22.54 -7.52 22.07
CA LEU A 38 -23.96 -7.98 22.16
C LEU A 38 -24.11 -9.50 22.27
N ALA A 39 -23.19 -10.25 21.65
CA ALA A 39 -23.23 -11.73 21.70
C ALA A 39 -22.50 -12.35 22.91
N GLY A 40 -22.01 -11.51 23.83
CA GLY A 40 -21.38 -11.96 25.07
C GLY A 40 -22.24 -11.63 26.28
N HIS A 41 -21.78 -12.01 27.47
CA HIS A 41 -22.56 -11.84 28.71
C HIS A 41 -22.43 -10.45 29.33
N CYS A 42 -21.20 -9.94 29.44
CA CYS A 42 -20.93 -8.66 30.14
C CYS A 42 -21.25 -7.38 29.34
N LYS A 43 -21.07 -7.45 28.03
CA LYS A 43 -21.55 -6.44 27.08
C LYS A 43 -20.94 -5.05 27.32
N GLU A 44 -19.63 -4.97 27.22
CA GLU A 44 -18.93 -3.71 27.38
C GLU A 44 -17.90 -3.55 26.27
N ILE A 45 -17.81 -2.33 25.75
CA ILE A 45 -16.72 -1.91 24.88
C ILE A 45 -15.97 -0.74 25.51
N ILE A 46 -14.68 -0.65 25.22
CA ILE A 46 -13.84 0.42 25.71
C ILE A 46 -13.13 1.05 24.49
N VAL A 47 -13.30 2.37 24.34
CA VAL A 47 -12.68 3.14 23.26
C VAL A 47 -11.69 4.08 23.91
N THR A 48 -10.43 3.95 23.50
CA THR A 48 -9.34 4.71 24.09
C THR A 48 -8.61 5.50 23.03
N ILE A 49 -8.44 6.80 23.30
CA ILE A 49 -7.59 7.67 22.51
C ILE A 49 -6.24 7.68 23.21
N HIS A 50 -5.22 7.23 22.49
CA HIS A 50 -3.86 7.12 23.02
C HIS A 50 -3.09 8.42 22.74
N ALA A 51 -2.04 8.64 23.51
CA ALA A 51 -1.26 9.87 23.43
C ALA A 51 -0.55 10.02 22.08
N ASP A 52 -0.29 8.89 21.41
CA ASP A 52 0.36 8.88 20.09
C ASP A 52 -0.62 8.97 18.91
N ASN A 53 -1.84 9.42 19.17
CA ASN A 53 -2.85 9.63 18.14
C ASN A 53 -3.41 8.34 17.52
N SER A 54 -3.32 7.22 18.22
CA SER A 54 -3.99 6.00 17.78
C SER A 54 -5.24 5.85 18.61
N VAL A 55 -6.15 5.01 18.15
CA VAL A 55 -7.34 4.66 18.91
C VAL A 55 -7.43 3.14 19.03
N SER A 56 -7.81 2.67 20.21
CA SER A 56 -8.12 1.26 20.38
C SER A 56 -9.57 1.06 20.79
N VAL A 57 -10.13 -0.05 20.35
CA VAL A 57 -11.50 -0.42 20.66
C VAL A 57 -11.44 -1.88 21.11
N GLN A 58 -11.91 -2.13 22.33
CA GLN A 58 -11.91 -3.48 22.91
C GLN A 58 -13.34 -3.87 23.18
N ASP A 59 -13.65 -5.14 22.98
CA ASP A 59 -14.90 -5.73 23.49
C ASP A 59 -14.60 -6.96 24.33
N ASP A 60 -15.62 -7.39 25.07
CA ASP A 60 -15.54 -8.58 25.91
C ASP A 60 -16.44 -9.68 25.38
N GLY A 61 -16.60 -9.75 24.06
CA GLY A 61 -17.43 -10.76 23.42
C GLY A 61 -16.69 -12.08 23.31
N ARG A 62 -17.04 -12.87 22.30
CA ARG A 62 -16.53 -14.25 22.16
C ARG A 62 -15.12 -14.33 21.55
N GLY A 63 -14.69 -13.25 20.90
CA GLY A 63 -13.49 -13.26 20.07
C GLY A 63 -13.89 -13.57 18.65
N ILE A 64 -13.37 -12.80 17.70
CA ILE A 64 -13.67 -13.08 16.29
C ILE A 64 -12.99 -14.38 15.86
N PRO A 65 -13.58 -15.09 14.87
CA PRO A 65 -13.06 -16.42 14.56
C PRO A 65 -11.63 -16.39 14.03
N THR A 66 -10.85 -17.39 14.46
CA THR A 66 -9.41 -17.45 14.14
C THR A 66 -9.05 -18.55 13.14
N GLY A 67 -9.91 -19.54 12.98
CA GLY A 67 -9.66 -20.66 12.09
C GLY A 67 -9.42 -20.29 10.63
N ILE A 68 -8.71 -21.16 9.92
CA ILE A 68 -8.37 -20.91 8.53
C ILE A 68 -9.66 -20.90 7.70
N HIS A 69 -9.83 -19.83 6.92
CA HIS A 69 -10.92 -19.76 5.94
C HIS A 69 -10.66 -20.78 4.82
N PRO A 70 -11.58 -21.75 4.62
CA PRO A 70 -11.29 -22.85 3.68
C PRO A 70 -11.08 -22.44 2.22
N GLU A 71 -11.78 -21.41 1.76
CA GLU A 71 -11.54 -20.83 0.43
C GLU A 71 -10.29 -19.92 0.31
N GLU A 72 -10.06 -19.00 1.28
CA GLU A 72 -8.99 -18.01 1.17
C GLU A 72 -7.65 -18.56 1.66
N GLY A 73 -7.68 -19.58 2.51
CA GLY A 73 -6.43 -20.23 2.96
C GLY A 73 -5.61 -19.44 3.96
N VAL A 74 -6.25 -18.46 4.59
CA VAL A 74 -5.64 -17.69 5.68
C VAL A 74 -6.67 -17.60 6.77
N SER A 75 -6.26 -17.18 7.96
CA SER A 75 -7.21 -17.02 9.07
C SER A 75 -8.45 -16.20 8.66
N ALA A 76 -9.59 -16.57 9.21
CA ALA A 76 -10.84 -15.83 8.99
C ALA A 76 -10.70 -14.36 9.37
N ALA A 77 -9.96 -14.12 10.46
CA ALA A 77 -9.64 -12.77 10.92
C ALA A 77 -8.90 -11.99 9.85
N GLU A 78 -7.90 -12.61 9.23
CA GLU A 78 -7.18 -11.93 8.14
C GLU A 78 -8.08 -11.66 6.91
N VAL A 79 -8.98 -12.58 6.60
CA VAL A 79 -9.94 -12.36 5.51
C VAL A 79 -10.77 -11.12 5.79
N ILE A 80 -11.31 -11.04 7.00
CA ILE A 80 -12.08 -9.86 7.40
C ILE A 80 -11.26 -8.56 7.29
N MET A 81 -9.99 -8.62 7.64
CA MET A 81 -9.11 -7.43 7.58
C MET A 81 -8.65 -7.03 6.19
N THR A 82 -8.70 -7.93 5.22
CA THR A 82 -8.02 -7.70 3.94
C THR A 82 -8.89 -7.85 2.70
N VAL A 83 -10.17 -8.20 2.86
CA VAL A 83 -11.09 -8.38 1.73
C VAL A 83 -12.23 -7.39 1.90
N LEU A 84 -12.57 -6.68 0.82
CA LEU A 84 -13.78 -5.85 0.81
C LEU A 84 -15.03 -6.71 0.83
N GLY A 103 -22.39 0.09 6.58
CA GLY A 103 -21.08 -0.34 7.05
C GLY A 103 -20.10 -0.63 5.92
N VAL A 104 -18.99 0.11 5.88
CA VAL A 104 -17.92 -0.10 4.87
C VAL A 104 -16.96 -1.26 5.21
N GLY A 105 -16.90 -1.65 6.48
CA GLY A 105 -16.14 -2.81 6.89
C GLY A 105 -14.79 -2.38 7.43
N VAL A 106 -14.28 -3.16 8.38
CA VAL A 106 -13.03 -2.84 9.04
C VAL A 106 -11.84 -2.95 8.07
N SER A 107 -12.00 -3.68 6.98
CA SER A 107 -10.91 -3.75 5.98
C SER A 107 -10.54 -2.36 5.44
N VAL A 108 -11.52 -1.47 5.33
CA VAL A 108 -11.28 -0.08 4.95
C VAL A 108 -10.41 0.63 5.98
N VAL A 109 -10.72 0.45 7.26
CA VAL A 109 -9.92 1.03 8.34
C VAL A 109 -8.47 0.55 8.26
N ASN A 110 -8.32 -0.76 8.07
CA ASN A 110 -7.02 -1.37 7.94
C ASN A 110 -6.25 -0.80 6.76
N ALA A 111 -6.88 -0.72 5.60
CA ALA A 111 -6.21 -0.17 4.38
C ALA A 111 -5.61 1.24 4.60
N LEU A 112 -6.33 2.03 5.38
CA LEU A 112 -6.03 3.44 5.63
C LEU A 112 -5.30 3.71 6.95
N SER A 113 -4.80 2.66 7.58
CA SER A 113 -4.02 2.79 8.79
C SER A 113 -2.57 2.46 8.51
N GLN A 114 -1.67 3.34 8.88
CA GLN A 114 -0.24 3.04 8.76
C GLN A 114 0.19 1.85 9.64
N LYS A 115 -0.49 1.63 10.76
CA LYS A 115 -0.35 0.42 11.57
C LYS A 115 -1.72 0.03 12.15
N LEU A 116 -1.96 -1.27 12.28
CA LEU A 116 -3.14 -1.79 12.97
C LEU A 116 -2.75 -3.07 13.73
N GLU A 117 -3.09 -3.11 15.00
CA GLU A 117 -2.81 -4.25 15.87
C GLU A 117 -4.14 -4.93 16.22
N LEU A 118 -4.18 -6.24 16.00
CA LEU A 118 -5.34 -7.07 16.28
C LEU A 118 -4.96 -8.06 17.39
N VAL A 119 -5.77 -8.13 18.44
CA VAL A 119 -5.60 -9.11 19.53
C VAL A 119 -6.94 -9.79 19.79
N ILE A 120 -6.96 -11.12 19.64
CA ILE A 120 -8.18 -11.91 19.84
C ILE A 120 -7.93 -12.89 20.96
N GLN A 121 -8.83 -12.90 21.94
CA GLN A 121 -8.81 -13.85 23.04
C GLN A 121 -10.00 -14.79 22.83
N ARG A 122 -9.71 -16.06 22.60
CA ARG A 122 -10.73 -17.02 22.20
C ARG A 122 -10.23 -18.44 22.42
N GLU A 123 -11.11 -19.32 22.91
CA GLU A 123 -10.81 -20.73 23.11
C GLU A 123 -9.51 -20.97 23.92
N GLY A 124 -9.33 -20.15 24.95
CA GLY A 124 -8.19 -20.28 25.86
C GLY A 124 -6.87 -19.67 25.44
N LYS A 125 -6.85 -19.01 24.26
CA LYS A 125 -5.59 -18.55 23.63
C LYS A 125 -5.66 -17.07 23.26
N ILE A 126 -4.53 -16.38 23.38
CA ILE A 126 -4.36 -15.03 22.88
C ILE A 126 -3.78 -15.16 21.48
N HIS A 127 -4.33 -14.41 20.52
CA HIS A 127 -3.87 -14.42 19.14
C HIS A 127 -3.54 -12.99 18.78
N ARG A 128 -2.44 -12.78 18.06
CA ARG A 128 -2.02 -11.43 17.69
C ARG A 128 -1.65 -11.34 16.23
N GLN A 129 -1.92 -10.17 15.65
CA GLN A 129 -1.47 -9.88 14.29
C GLN A 129 -1.27 -8.38 14.09
N ILE A 130 -0.27 -8.04 13.31
CA ILE A 130 0.03 -6.65 13.01
C ILE A 130 -0.09 -6.44 11.51
N TYR A 131 -0.69 -5.32 11.14
CA TYR A 131 -0.78 -4.89 9.76
C TYR A 131 -0.11 -3.54 9.64
N GLU A 132 0.43 -3.24 8.44
CA GLU A 132 0.87 -1.89 8.07
C GLU A 132 0.31 -1.54 6.72
N HIS A 133 -0.46 -0.46 6.65
CA HIS A 133 -1.15 -0.05 5.42
C HIS A 133 -1.97 -1.18 4.82
N GLY A 134 -2.57 -1.98 5.69
CA GLY A 134 -3.39 -3.13 5.28
C GLY A 134 -2.69 -4.42 4.94
N VAL A 135 -1.36 -4.43 5.02
CA VAL A 135 -0.54 -5.56 4.69
C VAL A 135 -0.20 -6.33 5.97
N PRO A 136 -0.60 -7.63 6.07
CA PRO A 136 -0.23 -8.39 7.26
C PRO A 136 1.29 -8.58 7.35
N GLN A 137 1.85 -8.40 8.55
CA GLN A 137 3.30 -8.55 8.73
C GLN A 137 3.71 -10.00 8.99
N ALA A 138 2.75 -10.81 9.46
CA ALA A 138 2.90 -12.24 9.67
C ALA A 138 1.49 -12.81 9.83
N PRO A 139 1.35 -14.14 9.72
CA PRO A 139 0.03 -14.74 9.92
C PRO A 139 -0.44 -14.57 11.37
N LEU A 140 -1.75 -14.54 11.57
CA LEU A 140 -2.32 -14.53 12.92
C LEU A 140 -1.66 -15.67 13.72
N ALA A 141 -1.19 -15.35 14.92
CA ALA A 141 -0.37 -16.29 15.69
C ALA A 141 -0.81 -16.35 17.13
N VAL A 142 -0.76 -17.55 17.71
CA VAL A 142 -1.06 -17.75 19.12
C VAL A 142 0.16 -17.32 19.94
N THR A 143 -0.02 -16.41 20.89
CA THR A 143 1.11 -15.85 21.65
C THR A 143 1.05 -16.15 23.16
N GLY A 144 -0.03 -16.77 23.64
CA GLY A 144 -0.18 -17.06 25.06
C GLY A 144 -1.53 -17.66 25.35
N GLU A 145 -1.76 -17.88 26.65
CA GLU A 145 -3.01 -18.44 27.16
C GLU A 145 -3.77 -17.38 27.92
N THR A 146 -5.07 -17.57 27.99
CA THR A 146 -5.95 -16.64 28.71
C THR A 146 -7.25 -17.32 29.06
N GLU A 147 -7.87 -16.83 30.13
CA GLU A 147 -9.21 -17.22 30.53
C GLU A 147 -10.27 -16.31 29.90
N LYS A 148 -9.85 -15.15 29.42
CA LYS A 148 -10.79 -14.14 28.92
C LYS A 148 -11.14 -14.35 27.46
N THR A 149 -12.18 -13.66 27.02
CA THR A 149 -12.60 -13.66 25.63
C THR A 149 -12.79 -12.20 25.20
N GLY A 150 -12.61 -11.96 23.91
CA GLY A 150 -12.81 -10.64 23.36
C GLY A 150 -11.89 -10.32 22.21
N THR A 151 -12.13 -9.16 21.62
CA THR A 151 -11.31 -8.68 20.52
C THR A 151 -10.88 -7.25 20.83
N MET A 152 -9.70 -6.90 20.36
CA MET A 152 -9.16 -5.54 20.45
C MET A 152 -8.52 -5.18 19.13
N VAL A 153 -8.87 -4.01 18.60
CA VAL A 153 -8.19 -3.45 17.44
C VAL A 153 -7.68 -2.08 17.84
N ARG A 154 -6.39 -1.84 17.58
CA ARG A 154 -5.79 -0.54 17.76
C ARG A 154 -5.22 -0.11 16.42
N PHE A 155 -5.53 1.11 16.00
CA PHE A 155 -5.08 1.56 14.69
C PHE A 155 -4.48 2.95 14.73
N TRP A 156 -3.49 3.15 13.88
CA TRP A 156 -2.79 4.41 13.74
C TRP A 156 -3.17 4.90 12.35
N PRO A 157 -4.02 5.94 12.24
CA PRO A 157 -4.46 6.42 10.92
C PRO A 157 -3.28 6.87 10.07
N SER A 158 -3.29 6.54 8.78
CA SER A 158 -2.22 6.96 7.90
C SER A 158 -2.21 8.47 7.69
N LEU A 159 -1.10 9.11 8.04
CA LEU A 159 -0.91 10.53 7.79
C LEU A 159 -0.57 10.83 6.32
N GLU A 160 -0.40 9.79 5.50
CA GLU A 160 -0.38 9.93 4.04
C GLU A 160 -1.76 10.17 3.46
N THR A 161 -2.79 9.66 4.12
CA THR A 161 -4.19 9.82 3.71
C THR A 161 -4.87 10.98 4.43
N PHE A 162 -4.79 10.99 5.76
CA PHE A 162 -5.51 12.00 6.56
C PHE A 162 -4.68 13.28 6.73
N THR A 163 -5.22 14.39 6.25
CA THR A 163 -4.51 15.67 6.22
C THR A 163 -5.30 16.73 6.97
N ASN A 164 -4.59 17.80 7.36
CA ASN A 164 -5.19 18.95 8.04
C ASN A 164 -5.64 18.55 9.46
N VAL A 165 -6.80 17.91 9.56
CA VAL A 165 -7.26 17.36 10.82
C VAL A 165 -6.67 15.95 10.95
N THR A 166 -5.70 15.81 11.84
CA THR A 166 -4.99 14.54 12.04
C THR A 166 -5.11 14.02 13.45
N GLU A 167 -5.70 14.80 14.36
CA GLU A 167 -5.81 14.43 15.77
C GLU A 167 -7.27 14.21 16.10
N PHE A 168 -7.54 13.19 16.91
CA PHE A 168 -8.91 12.88 17.29
C PHE A 168 -9.47 13.91 18.27
N GLU A 169 -10.62 14.49 17.91
CA GLU A 169 -11.45 15.30 18.79
C GLU A 169 -12.35 14.44 19.70
N TYR A 170 -12.10 14.53 21.01
CA TYR A 170 -12.87 13.80 22.02
C TYR A 170 -14.40 13.94 21.86
N GLU A 171 -14.88 15.18 21.70
CA GLU A 171 -16.33 15.42 21.68
C GLU A 171 -17.04 14.84 20.45
N ILE A 172 -16.34 14.72 19.33
CA ILE A 172 -16.89 14.08 18.13
C ILE A 172 -17.13 12.61 18.43
N LEU A 173 -16.16 11.98 19.10
CA LEU A 173 -16.35 10.56 19.46
C LEU A 173 -17.43 10.41 20.52
N ALA A 174 -17.41 11.29 21.53
CA ALA A 174 -18.37 11.22 22.62
C ALA A 174 -19.81 11.36 22.15
N LYS A 175 -20.05 12.32 21.25
CA LYS A 175 -21.38 12.55 20.71
C LYS A 175 -21.97 11.29 20.09
N ARG A 176 -21.19 10.65 19.23
CA ARG A 176 -21.64 9.45 18.51
C ARG A 176 -21.82 8.25 19.43
N LEU A 177 -20.91 8.06 20.38
CA LEU A 177 -21.01 6.93 21.31
C LEU A 177 -22.24 7.09 22.19
N ARG A 178 -22.55 8.32 22.59
CA ARG A 178 -23.81 8.59 23.30
C ARG A 178 -25.03 8.14 22.49
N GLU A 179 -25.10 8.53 21.20
CA GLU A 179 -26.21 8.09 20.34
C GLU A 179 -26.29 6.56 20.31
N LEU A 180 -25.14 5.93 20.12
CA LEU A 180 -25.06 4.46 20.06
C LEU A 180 -25.52 3.75 21.33
N SER A 181 -25.24 4.36 22.49
CA SER A 181 -25.63 3.77 23.78
C SER A 181 -27.15 3.67 23.91
N PHE A 182 -27.88 4.68 23.43
CA PHE A 182 -29.35 4.62 23.45
C PHE A 182 -29.91 3.55 22.52
N LEU A 183 -29.30 3.45 21.35
CA LEU A 183 -29.76 2.50 20.36
C LEU A 183 -29.41 1.07 20.78
N ASN A 184 -28.24 0.90 21.38
CA ASN A 184 -27.76 -0.41 21.82
C ASN A 184 -27.82 -0.44 23.31
N SER A 185 -29.05 -0.42 23.80
CA SER A 185 -29.28 -0.36 25.22
C SER A 185 -28.87 -1.69 25.80
N GLY A 186 -28.35 -1.67 27.01
CA GLY A 186 -27.72 -2.87 27.55
C GLY A 186 -26.25 -3.05 27.21
N VAL A 187 -25.68 -2.23 26.30
CA VAL A 187 -24.25 -2.27 26.07
C VAL A 187 -23.59 -1.09 26.77
N SER A 188 -22.59 -1.40 27.58
CA SER A 188 -21.80 -0.36 28.24
C SER A 188 -20.70 0.13 27.30
N ILE A 189 -20.60 1.46 27.13
CA ILE A 189 -19.55 2.08 26.31
C ILE A 189 -18.72 3.02 27.17
N ARG A 190 -17.44 2.70 27.31
CA ARG A 190 -16.49 3.57 28.00
C ARG A 190 -15.61 4.31 26.98
N LEU A 191 -15.41 5.61 27.20
CA LEU A 191 -14.51 6.43 26.38
C LEU A 191 -13.43 6.99 27.28
N ARG A 192 -12.17 6.85 26.86
CA ARG A 192 -11.02 7.30 27.64
C ARG A 192 -10.06 8.08 26.75
N ASP A 193 -9.64 9.25 27.22
CA ASP A 193 -8.64 10.06 26.53
C ASP A 193 -7.36 10.08 27.36
N LYS A 194 -6.33 9.37 26.90
CA LYS A 194 -5.04 9.32 27.59
C LYS A 194 -4.17 10.57 27.39
N ARG A 195 -4.59 11.48 26.51
CA ARG A 195 -3.88 12.74 26.32
C ARG A 195 -4.09 13.70 27.49
N ASP A 196 -5.29 13.70 28.05
CA ASP A 196 -5.62 14.59 29.19
C ASP A 196 -6.40 13.93 30.33
N GLY A 197 -6.61 12.62 30.27
CA GLY A 197 -7.38 11.92 31.30
C GLY A 197 -8.89 12.09 31.26
N LYS A 198 -9.46 12.76 30.26
CA LYS A 198 -10.92 12.87 30.15
C LYS A 198 -11.53 11.48 29.96
N GLU A 199 -12.69 11.24 30.55
CA GLU A 199 -13.36 9.96 30.42
C GLU A 199 -14.88 10.07 30.55
N ASP A 200 -15.57 9.13 29.90
CA ASP A 200 -17.03 9.06 29.95
C ASP A 200 -17.49 7.61 29.95
N HIS A 201 -18.72 7.42 30.43
CA HIS A 201 -19.33 6.13 30.50
C HIS A 201 -20.78 6.23 30.06
N PHE A 202 -21.06 5.72 28.87
CA PHE A 202 -22.40 5.72 28.30
C PHE A 202 -23.04 4.35 28.50
N HIS A 203 -24.18 4.32 29.19
N HIS A 203 -24.16 4.31 29.22
CA HIS A 203 -24.88 3.08 29.50
CA HIS A 203 -24.89 3.07 29.44
C HIS A 203 -26.34 3.36 29.78
C HIS A 203 -26.32 3.50 29.67
N TYR A 204 -27.23 2.98 28.85
CA TYR A 204 -28.66 3.30 28.96
C TYR A 204 -29.42 2.29 29.83
N LEU B 2 -2.29 -5.85 -6.17
CA LEU B 2 -0.86 -5.99 -5.75
C LEU B 2 -0.59 -6.49 -4.32
N ASP B 3 -1.63 -6.71 -3.52
CA ASP B 3 -1.46 -7.14 -2.12
C ASP B 3 -0.70 -8.46 -1.94
N ALA B 4 -0.76 -9.38 -2.92
CA ALA B 4 0.03 -10.61 -2.82
C ALA B 4 1.54 -10.34 -2.83
N VAL B 5 1.95 -9.32 -3.59
CA VAL B 5 3.35 -8.94 -3.68
C VAL B 5 3.77 -8.26 -2.38
N ARG B 6 2.91 -7.38 -1.89
CA ARG B 6 3.22 -6.65 -0.66
C ARG B 6 3.38 -7.62 0.52
N LYS B 7 2.54 -8.66 0.57
CA LYS B 7 2.57 -9.63 1.66
C LYS B 7 3.89 -10.46 1.73
N ARG B 8 4.47 -10.76 0.57
CA ARG B 8 5.67 -11.59 0.49
C ARG B 8 6.60 -11.07 -0.62
N PRO B 9 7.24 -9.89 -0.42
CA PRO B 9 8.00 -9.28 -1.52
C PRO B 9 9.13 -10.14 -2.04
N GLY B 10 9.81 -10.83 -1.11
CA GLY B 10 10.92 -11.69 -1.47
C GLY B 10 10.61 -12.77 -2.49
N MET B 11 9.39 -13.30 -2.43
CA MET B 11 8.96 -14.34 -3.39
C MET B 11 8.86 -13.81 -4.83
N TYR B 12 8.66 -12.50 -4.98
CA TYR B 12 8.55 -11.86 -6.29
C TYR B 12 9.81 -11.21 -6.83
N ILE B 13 10.57 -10.52 -5.97
CA ILE B 13 11.74 -9.73 -6.41
C ILE B 13 13.09 -10.34 -6.00
N GLY B 14 13.08 -11.30 -5.08
CA GLY B 14 14.32 -11.90 -4.56
C GLY B 14 14.71 -11.26 -3.24
N ASP B 15 15.97 -11.44 -2.86
CA ASP B 15 16.45 -11.06 -1.54
C ASP B 15 16.42 -9.53 -1.38
N THR B 16 15.69 -9.05 -0.38
CA THR B 16 15.49 -7.62 -0.20
C THR B 16 16.48 -6.99 0.81
N ASP B 17 17.45 -7.79 1.28
CA ASP B 17 18.45 -7.35 2.26
C ASP B 17 19.88 -7.28 1.72
N ASP B 18 20.20 -7.97 0.62
CA ASP B 18 21.61 -8.08 0.16
C ASP B 18 21.89 -7.37 -1.14
N GLY B 19 20.94 -6.58 -1.63
CA GLY B 19 21.13 -5.82 -2.85
C GLY B 19 20.67 -6.51 -4.12
N THR B 20 20.50 -7.84 -4.11
CA THR B 20 20.13 -8.55 -5.36
C THR B 20 18.72 -8.18 -5.82
N GLY B 21 17.77 -8.17 -4.90
CA GLY B 21 16.40 -7.72 -5.20
C GLY B 21 16.35 -6.28 -5.68
N LEU B 22 17.11 -5.41 -5.01
CA LEU B 22 17.17 -4.00 -5.38
C LEU B 22 17.58 -3.82 -6.84
N HIS B 23 18.66 -4.49 -7.23
CA HIS B 23 19.11 -4.40 -8.62
C HIS B 23 18.19 -5.09 -9.61
N HIS B 24 17.57 -6.18 -9.19
CA HIS B 24 16.56 -6.85 -10.02
C HIS B 24 15.42 -5.87 -10.42
N MET B 25 15.04 -4.95 -9.52
CA MET B 25 14.07 -3.88 -9.88
C MET B 25 14.46 -3.14 -11.19
N VAL B 26 15.72 -2.70 -11.27
CA VAL B 26 16.23 -2.02 -12.46
C VAL B 26 16.17 -2.95 -13.67
N PHE B 27 16.62 -4.18 -13.50
CA PHE B 27 16.72 -5.09 -14.64
C PHE B 27 15.36 -5.48 -15.20
N GLU B 28 14.35 -5.58 -14.33
CA GLU B 28 13.00 -5.80 -14.82
C GLU B 28 12.53 -4.63 -15.69
N VAL B 29 12.74 -3.40 -15.25
CA VAL B 29 12.33 -2.22 -16.05
C VAL B 29 13.13 -2.18 -17.37
N VAL B 30 14.43 -2.46 -17.29
CA VAL B 30 15.27 -2.48 -18.49
C VAL B 30 14.77 -3.51 -19.53
N ASP B 31 14.37 -4.71 -19.09
CA ASP B 31 13.87 -5.72 -20.05
C ASP B 31 12.64 -5.21 -20.81
N ASN B 32 11.73 -4.53 -20.12
CA ASN B 32 10.54 -3.95 -20.76
C ASN B 32 10.92 -2.83 -21.71
N ALA B 33 11.87 -2.00 -21.30
CA ALA B 33 12.37 -0.89 -22.12
C ALA B 33 13.04 -1.38 -23.40
N ILE B 34 13.80 -2.45 -23.28
CA ILE B 34 14.44 -3.02 -24.45
C ILE B 34 13.37 -3.55 -25.38
N ASP B 35 12.39 -4.25 -24.86
CA ASP B 35 11.31 -4.75 -25.69
C ASP B 35 10.63 -3.56 -26.41
N GLU B 36 10.42 -2.45 -25.71
CA GLU B 36 9.79 -1.28 -26.32
C GLU B 36 10.65 -0.71 -27.40
N ALA B 37 11.92 -0.59 -27.14
CA ALA B 37 12.87 0.06 -28.05
C ALA B 37 12.97 -0.71 -29.37
N LEU B 38 12.88 -2.05 -29.31
CA LEU B 38 13.01 -2.92 -30.49
C LEU B 38 11.90 -2.69 -31.52
N ALA B 39 10.74 -2.19 -31.09
CA ALA B 39 9.61 -1.90 -31.99
C ALA B 39 9.67 -0.54 -32.72
N GLY B 40 10.80 0.16 -32.66
CA GLY B 40 11.08 1.32 -33.53
C GLY B 40 12.35 1.09 -34.37
N HIS B 41 12.77 2.09 -35.15
CA HIS B 41 13.98 1.97 -35.99
C HIS B 41 15.25 2.48 -35.30
N CYS B 42 15.16 3.63 -34.64
CA CYS B 42 16.34 4.21 -33.97
C CYS B 42 16.73 3.46 -32.68
N LYS B 43 15.77 3.03 -31.88
CA LYS B 43 16.03 2.09 -30.78
C LYS B 43 17.12 2.53 -29.79
N GLU B 44 16.75 3.36 -28.81
CA GLU B 44 17.67 3.75 -27.74
C GLU B 44 16.97 3.68 -26.39
N ILE B 45 17.68 3.16 -25.39
CA ILE B 45 17.26 3.32 -24.03
C ILE B 45 18.34 4.08 -23.25
N ILE B 46 17.88 4.82 -22.25
CA ILE B 46 18.76 5.58 -21.36
C ILE B 46 18.41 5.20 -19.92
N VAL B 47 19.40 4.67 -19.20
CA VAL B 47 19.26 4.30 -17.79
C VAL B 47 20.05 5.31 -16.98
N THR B 48 19.38 5.98 -16.06
CA THR B 48 19.96 7.05 -15.24
C THR B 48 19.84 6.74 -13.77
N ILE B 49 20.96 6.75 -13.07
CA ILE B 49 20.96 6.68 -11.62
C ILE B 49 20.93 8.13 -11.15
N HIS B 50 19.84 8.52 -10.50
CA HIS B 50 19.70 9.89 -10.01
C HIS B 50 20.35 10.02 -8.64
N ALA B 51 20.61 11.26 -8.22
CA ALA B 51 21.28 11.53 -6.94
C ALA B 51 20.39 11.33 -5.70
N ASP B 52 19.08 11.21 -5.89
CA ASP B 52 18.13 10.97 -4.80
C ASP B 52 17.80 9.48 -4.67
N ASN B 53 18.67 8.67 -5.28
CA ASN B 53 18.65 7.23 -5.25
C ASN B 53 17.47 6.55 -5.94
N SER B 54 16.90 7.23 -6.93
CA SER B 54 15.98 6.64 -7.89
C SER B 54 16.72 6.31 -9.16
N VAL B 55 16.07 5.52 -10.02
CA VAL B 55 16.60 5.14 -11.33
C VAL B 55 15.48 5.38 -12.32
N SER B 56 15.82 6.00 -13.44
CA SER B 56 14.91 6.15 -14.55
C SER B 56 15.37 5.35 -15.74
N VAL B 57 14.39 4.88 -16.50
CA VAL B 57 14.68 4.16 -17.73
C VAL B 57 13.77 4.77 -18.79
N GLN B 58 14.37 5.25 -19.88
CA GLN B 58 13.64 5.89 -20.98
C GLN B 58 13.85 5.05 -22.21
N ASP B 59 12.81 4.90 -23.02
CA ASP B 59 12.92 4.31 -24.35
C ASP B 59 12.27 5.24 -25.36
N ASP B 60 12.63 5.06 -26.62
CA ASP B 60 12.05 5.79 -27.73
C ASP B 60 11.12 4.92 -28.59
N GLY B 61 10.46 3.96 -27.96
CA GLY B 61 9.51 3.09 -28.64
C GLY B 61 8.19 3.81 -28.89
N ARG B 62 7.12 3.04 -29.02
CA ARG B 62 5.81 3.58 -29.43
C ARG B 62 5.03 4.25 -28.29
N GLY B 63 5.46 4.03 -27.05
CA GLY B 63 4.70 4.41 -25.88
C GLY B 63 3.74 3.31 -25.47
N ILE B 64 3.72 2.99 -24.18
CA ILE B 64 2.74 2.05 -23.61
C ILE B 64 1.34 2.55 -23.96
N PRO B 65 0.41 1.63 -24.32
CA PRO B 65 -0.96 2.07 -24.61
C PRO B 65 -1.62 2.85 -23.47
N THR B 66 -2.37 3.87 -23.84
CA THR B 66 -2.92 4.81 -22.86
C THR B 66 -4.45 4.79 -22.79
N GLY B 67 -5.12 4.19 -23.78
CA GLY B 67 -6.58 4.17 -23.82
C GLY B 67 -7.20 3.40 -22.68
N ILE B 68 -8.44 3.75 -22.36
CA ILE B 68 -9.14 3.11 -21.24
C ILE B 68 -9.38 1.65 -21.59
N HIS B 69 -9.00 0.75 -20.67
CA HIS B 69 -9.27 -0.69 -20.79
C HIS B 69 -10.76 -0.93 -20.60
N PRO B 70 -11.43 -1.63 -21.55
CA PRO B 70 -12.91 -1.72 -21.43
C PRO B 70 -13.45 -2.45 -20.20
N GLU B 71 -12.76 -3.48 -19.74
CA GLU B 71 -13.07 -4.21 -18.51
C GLU B 71 -12.71 -3.46 -17.23
N GLU B 72 -11.44 -3.07 -17.12
CA GLU B 72 -10.86 -2.52 -15.89
C GLU B 72 -11.31 -1.08 -15.61
N GLY B 73 -11.68 -0.34 -16.64
CA GLY B 73 -12.18 1.02 -16.46
C GLY B 73 -11.15 2.09 -16.15
N VAL B 74 -9.88 1.79 -16.44
CA VAL B 74 -8.77 2.74 -16.30
C VAL B 74 -7.86 2.55 -17.48
N SER B 75 -6.95 3.51 -17.65
CA SER B 75 -5.96 3.43 -18.74
C SER B 75 -5.25 2.09 -18.78
N ALA B 76 -4.97 1.61 -19.98
CA ALA B 76 -4.19 0.37 -20.15
C ALA B 76 -2.85 0.44 -19.42
N ALA B 77 -2.22 1.61 -19.41
CA ALA B 77 -0.97 1.81 -18.69
C ALA B 77 -1.16 1.54 -17.20
N GLU B 78 -2.24 2.03 -16.63
CA GLU B 78 -2.53 1.75 -15.21
C GLU B 78 -2.77 0.27 -14.96
N VAL B 79 -3.50 -0.39 -15.86
CA VAL B 79 -3.67 -1.86 -15.74
C VAL B 79 -2.30 -2.55 -15.67
N ILE B 80 -1.42 -2.23 -16.61
CA ILE B 80 -0.07 -2.78 -16.64
C ILE B 80 0.69 -2.55 -15.34
N MET B 81 0.55 -1.37 -14.77
CA MET B 81 1.23 -1.03 -13.52
C MET B 81 0.63 -1.64 -12.25
N THR B 82 -0.63 -2.10 -12.29
CA THR B 82 -1.35 -2.44 -11.02
C THR B 82 -1.95 -3.84 -10.95
N VAL B 83 -1.73 -4.66 -11.98
CA VAL B 83 -2.31 -5.99 -12.08
C VAL B 83 -1.13 -6.93 -12.21
N LEU B 84 -1.13 -7.99 -11.39
CA LEU B 84 -0.02 -8.93 -11.33
C LEU B 84 0.00 -9.83 -12.57
N GLY B 103 10.44 -12.94 -16.37
CA GLY B 103 10.00 -11.57 -16.10
C GLY B 103 8.86 -11.52 -15.09
N VAL B 104 9.04 -10.71 -14.06
CA VAL B 104 8.07 -10.62 -12.95
C VAL B 104 6.95 -9.59 -13.21
N GLY B 105 7.14 -8.76 -14.23
CA GLY B 105 6.24 -7.67 -14.55
C GLY B 105 6.62 -6.39 -13.80
N VAL B 106 6.40 -5.26 -14.47
CA VAL B 106 6.67 -3.95 -13.89
C VAL B 106 5.71 -3.66 -12.73
N SER B 107 4.55 -4.31 -12.67
CA SER B 107 3.65 -4.15 -11.52
C SER B 107 4.32 -4.51 -10.18
N VAL B 108 5.22 -5.49 -10.20
CA VAL B 108 6.00 -5.83 -9.00
C VAL B 108 6.92 -4.68 -8.60
N VAL B 109 7.61 -4.11 -9.58
CA VAL B 109 8.48 -2.97 -9.33
C VAL B 109 7.67 -1.82 -8.75
N ASN B 110 6.52 -1.53 -9.36
CA ASN B 110 5.64 -0.50 -8.86
C ASN B 110 5.21 -0.75 -7.41
N ALA B 111 4.74 -1.97 -7.10
CA ALA B 111 4.33 -2.33 -5.74
C ALA B 111 5.40 -2.07 -4.69
N LEU B 112 6.65 -2.35 -5.04
CA LEU B 112 7.79 -2.22 -4.13
C LEU B 112 8.56 -0.91 -4.26
N SER B 113 7.94 0.08 -4.90
CA SER B 113 8.51 1.41 -5.00
C SER B 113 7.71 2.38 -4.17
N GLN B 114 8.37 3.14 -3.32
CA GLN B 114 7.66 4.18 -2.56
C GLN B 114 7.12 5.31 -3.46
N LYS B 115 7.74 5.47 -4.63
CA LYS B 115 7.21 6.36 -5.65
C LYS B 115 7.61 5.84 -7.02
N LEU B 116 6.74 6.05 -8.00
CA LEU B 116 7.06 5.72 -9.38
C LEU B 116 6.38 6.75 -10.28
N GLU B 117 7.16 7.31 -11.19
CA GLU B 117 6.70 8.31 -12.14
C GLU B 117 6.69 7.67 -13.52
N LEU B 118 5.56 7.79 -14.20
CA LEU B 118 5.36 7.24 -15.53
C LEU B 118 5.09 8.41 -16.50
N VAL B 119 5.84 8.47 -17.60
CA VAL B 119 5.63 9.47 -18.63
C VAL B 119 5.62 8.73 -19.99
N ILE B 120 4.54 8.87 -20.72
CA ILE B 120 4.34 8.19 -22.00
C ILE B 120 4.11 9.29 -23.04
N GLN B 121 4.87 9.21 -24.13
CA GLN B 121 4.70 10.11 -25.27
C GLN B 121 4.17 9.27 -26.41
N ARG B 122 2.99 9.64 -26.91
CA ARG B 122 2.27 8.79 -27.85
C ARG B 122 1.18 9.62 -28.52
N GLU B 123 0.97 9.42 -29.82
CA GLU B 123 -0.09 10.11 -30.56
C GLU B 123 -0.07 11.64 -30.36
N GLY B 124 1.14 12.19 -30.28
CA GLY B 124 1.34 13.61 -30.16
C GLY B 124 1.09 14.20 -28.79
N LYS B 125 0.93 13.35 -27.79
CA LYS B 125 0.57 13.78 -26.43
C LYS B 125 1.52 13.24 -25.36
N ILE B 126 1.76 14.05 -24.34
CA ILE B 126 2.50 13.65 -23.15
C ILE B 126 1.47 13.20 -22.12
N HIS B 127 1.66 12.00 -21.56
CA HIS B 127 0.80 11.42 -20.52
C HIS B 127 1.65 11.19 -19.26
N ARG B 128 1.13 11.63 -18.11
CA ARG B 128 1.87 11.57 -16.87
C ARG B 128 1.04 10.95 -15.77
N GLN B 129 1.67 10.12 -14.94
CA GLN B 129 1.00 9.53 -13.78
C GLN B 129 2.03 9.27 -12.70
N ILE B 130 1.60 9.44 -11.45
CA ILE B 130 2.44 9.15 -10.28
C ILE B 130 1.78 8.04 -9.45
N TYR B 131 2.61 7.13 -8.96
CA TYR B 131 2.22 6.08 -8.02
C TYR B 131 3.03 6.23 -6.75
N GLU B 132 2.44 5.82 -5.63
CA GLU B 132 3.18 5.63 -4.36
C GLU B 132 2.83 4.27 -3.79
N HIS B 133 3.84 3.43 -3.58
CA HIS B 133 3.64 2.03 -3.17
C HIS B 133 2.63 1.30 -4.04
N GLY B 134 2.67 1.58 -5.34
CA GLY B 134 1.79 0.92 -6.30
C GLY B 134 0.40 1.51 -6.43
N VAL B 135 0.09 2.55 -5.66
CA VAL B 135 -1.23 3.18 -5.66
C VAL B 135 -1.18 4.41 -6.56
N PRO B 136 -2.00 4.44 -7.64
CA PRO B 136 -2.00 5.69 -8.45
C PRO B 136 -2.53 6.90 -7.70
N GLN B 137 -1.85 8.04 -7.82
CA GLN B 137 -2.26 9.25 -7.12
C GLN B 137 -3.36 10.02 -7.84
N ALA B 138 -3.48 9.77 -9.14
CA ALA B 138 -4.53 10.32 -9.98
C ALA B 138 -4.57 9.49 -11.25
N PRO B 139 -5.67 9.62 -12.03
CA PRO B 139 -5.67 8.90 -13.32
C PRO B 139 -4.61 9.42 -14.28
N LEU B 140 -4.17 8.56 -15.19
CA LEU B 140 -3.23 8.97 -16.23
C LEU B 140 -3.79 10.21 -16.95
N ALA B 141 -3.01 11.26 -17.08
CA ALA B 141 -3.47 12.57 -17.56
C ALA B 141 -2.65 13.04 -18.77
N VAL B 142 -3.32 13.60 -19.78
CA VAL B 142 -2.61 14.27 -20.86
C VAL B 142 -2.27 15.68 -20.37
N THR B 143 -0.97 15.97 -20.31
CA THR B 143 -0.48 17.25 -19.76
C THR B 143 0.13 18.16 -20.80
N GLY B 144 0.30 17.67 -22.02
CA GLY B 144 0.90 18.48 -23.06
C GLY B 144 1.09 17.79 -24.39
N GLU B 145 1.88 18.43 -25.25
CA GLU B 145 2.13 17.93 -26.60
C GLU B 145 3.58 17.55 -26.83
N THR B 146 3.80 16.70 -27.83
CA THR B 146 5.11 16.20 -28.19
C THR B 146 5.12 15.65 -29.60
N GLU B 147 6.26 15.77 -30.26
CA GLU B 147 6.50 15.14 -31.57
C GLU B 147 7.19 13.78 -31.43
N LYS B 148 7.64 13.46 -30.20
CA LYS B 148 8.37 12.21 -29.93
C LYS B 148 7.45 11.11 -29.43
N THR B 149 7.98 9.89 -29.41
CA THR B 149 7.28 8.77 -28.79
C THR B 149 8.21 8.06 -27.81
N GLY B 150 7.63 7.35 -26.86
CA GLY B 150 8.39 6.54 -25.90
C GLY B 150 7.80 6.50 -24.51
N THR B 151 8.44 5.75 -23.63
CA THR B 151 7.99 5.53 -22.27
C THR B 151 9.17 5.76 -21.36
N MET B 152 8.90 6.44 -20.26
CA MET B 152 9.87 6.67 -19.20
C MET B 152 9.25 6.21 -17.89
N VAL B 153 9.98 5.37 -17.16
CA VAL B 153 9.64 4.97 -15.79
C VAL B 153 10.79 5.38 -14.88
N ARG B 154 10.45 6.11 -13.82
CA ARG B 154 11.42 6.47 -12.80
C ARG B 154 10.88 5.94 -11.49
N PHE B 155 11.70 5.18 -10.76
CA PHE B 155 11.22 4.60 -9.52
C PHE B 155 12.19 4.83 -8.38
N TRP B 156 11.58 5.03 -7.22
CA TRP B 156 12.23 5.19 -5.94
C TRP B 156 11.92 3.91 -5.14
N PRO B 157 12.94 3.02 -4.95
CA PRO B 157 12.66 1.76 -4.24
C PRO B 157 12.19 2.02 -2.83
N SER B 158 11.22 1.23 -2.39
CA SER B 158 10.69 1.42 -1.04
C SER B 158 11.73 1.05 0.02
N LEU B 159 12.06 2.01 0.88
CA LEU B 159 12.95 1.75 2.02
C LEU B 159 12.27 0.99 3.17
N GLU B 160 10.97 0.75 3.06
CA GLU B 160 10.28 -0.17 3.98
C GLU B 160 10.49 -1.64 3.57
N THR B 161 10.82 -1.87 2.29
CA THR B 161 11.07 -3.22 1.77
C THR B 161 12.54 -3.53 1.63
N PHE B 162 13.29 -2.62 1.01
CA PHE B 162 14.71 -2.81 0.77
C PHE B 162 15.54 -2.27 1.94
N THR B 163 16.21 -3.20 2.60
CA THR B 163 17.00 -2.91 3.77
C THR B 163 18.46 -3.20 3.51
N ASN B 164 19.32 -2.60 4.33
CA ASN B 164 20.76 -2.89 4.35
C ASN B 164 21.50 -2.34 3.12
N VAL B 165 21.29 -2.94 1.95
CA VAL B 165 21.81 -2.38 0.70
C VAL B 165 20.66 -1.59 0.07
N THR B 166 20.79 -0.26 0.06
CA THR B 166 19.71 0.59 -0.44
C THR B 166 20.17 1.52 -1.56
N GLU B 167 21.44 1.46 -1.94
CA GLU B 167 21.98 2.33 -2.99
C GLU B 167 22.35 1.51 -4.22
N PHE B 168 22.08 2.08 -5.39
CA PHE B 168 22.43 1.42 -6.63
C PHE B 168 23.96 1.49 -6.88
N GLU B 169 24.50 0.35 -7.30
CA GLU B 169 25.91 0.16 -7.62
C GLU B 169 26.08 0.26 -9.13
N TYR B 170 26.79 1.29 -9.57
CA TYR B 170 27.05 1.50 -11.00
C TYR B 170 27.57 0.24 -11.73
N GLU B 171 28.53 -0.45 -11.13
CA GLU B 171 29.22 -1.55 -11.81
C GLU B 171 28.29 -2.73 -12.08
N ILE B 172 27.32 -2.94 -11.19
CA ILE B 172 26.36 -4.03 -11.36
C ILE B 172 25.52 -3.72 -12.60
N LEU B 173 25.02 -2.50 -12.72
CA LEU B 173 24.23 -2.09 -13.87
C LEU B 173 25.07 -2.12 -15.16
N ALA B 174 26.27 -1.54 -15.11
CA ALA B 174 27.13 -1.44 -16.30
C ALA B 174 27.46 -2.81 -16.90
N LYS B 175 27.80 -3.73 -16.05
CA LYS B 175 28.22 -5.04 -16.46
C LYS B 175 27.06 -5.73 -17.20
N ARG B 176 25.90 -5.68 -16.59
CA ARG B 176 24.73 -6.31 -17.16
C ARG B 176 24.27 -5.69 -18.45
N LEU B 177 24.30 -4.39 -18.53
CA LEU B 177 23.85 -3.69 -19.69
C LEU B 177 24.79 -3.99 -20.86
N ARG B 178 26.07 -4.09 -20.57
CA ARG B 178 27.05 -4.51 -21.57
C ARG B 178 26.71 -5.92 -22.09
N GLU B 179 26.41 -6.88 -21.20
CA GLU B 179 26.06 -8.23 -21.66
C GLU B 179 24.80 -8.19 -22.52
N LEU B 180 23.81 -7.41 -22.09
CA LEU B 180 22.53 -7.25 -22.81
C LEU B 180 22.69 -6.68 -24.22
N SER B 181 23.66 -5.78 -24.39
CA SER B 181 23.84 -5.11 -25.69
C SER B 181 24.18 -6.10 -26.79
N PHE B 182 24.98 -7.13 -26.49
CA PHE B 182 25.31 -8.14 -27.50
C PHE B 182 24.15 -9.07 -27.93
N LEU B 183 23.13 -9.19 -27.09
CA LEU B 183 21.93 -9.96 -27.40
C LEU B 183 20.84 -9.15 -28.07
N ASN B 184 21.01 -7.83 -28.14
CA ASN B 184 20.01 -6.92 -28.65
C ASN B 184 20.60 -6.01 -29.71
N SER B 185 20.80 -6.58 -30.91
CA SER B 185 21.47 -5.90 -32.00
C SER B 185 20.74 -4.64 -32.42
N GLY B 186 21.49 -3.55 -32.52
CA GLY B 186 20.96 -2.30 -32.98
C GLY B 186 20.37 -1.42 -31.90
N VAL B 187 20.33 -1.91 -30.66
CA VAL B 187 19.78 -1.11 -29.56
C VAL B 187 20.88 -0.35 -28.86
N SER B 188 20.78 0.98 -28.86
CA SER B 188 21.72 1.81 -28.13
C SER B 188 21.30 1.84 -26.67
N ILE B 189 22.22 1.53 -25.77
CA ILE B 189 21.96 1.57 -24.32
C ILE B 189 22.92 2.55 -23.67
N ARG B 190 22.38 3.63 -23.12
CA ARG B 190 23.20 4.61 -22.39
C ARG B 190 22.97 4.46 -20.89
N LEU B 191 24.05 4.53 -20.11
CA LEU B 191 23.99 4.46 -18.65
C LEU B 191 24.64 5.74 -18.11
N ARG B 192 23.95 6.40 -17.19
CA ARG B 192 24.38 7.69 -16.67
C ARG B 192 24.25 7.67 -15.15
N ASP B 193 25.32 8.06 -14.45
CA ASP B 193 25.25 8.21 -13.00
C ASP B 193 25.33 9.71 -12.68
N LYS B 194 24.24 10.29 -12.22
CA LYS B 194 24.19 11.71 -11.83
C LYS B 194 24.86 11.99 -10.47
N ARG B 195 25.28 10.96 -9.74
CA ARG B 195 25.98 11.15 -8.48
C ARG B 195 27.42 11.60 -8.69
N ASP B 196 28.09 11.03 -9.69
CA ASP B 196 29.49 11.37 -9.98
C ASP B 196 29.77 11.73 -11.44
N GLY B 197 28.76 11.73 -12.30
CA GLY B 197 28.94 12.01 -13.73
C GLY B 197 29.46 10.86 -14.59
N LYS B 198 29.66 9.67 -14.02
CA LYS B 198 30.12 8.52 -14.79
C LYS B 198 29.08 8.19 -15.85
N GLU B 199 29.53 7.80 -17.04
CA GLU B 199 28.62 7.35 -18.09
C GLU B 199 29.25 6.31 -18.98
N ASP B 200 28.37 5.52 -19.59
CA ASP B 200 28.77 4.49 -20.55
C ASP B 200 27.74 4.44 -21.67
N HIS B 201 28.18 3.92 -22.81
CA HIS B 201 27.34 3.75 -23.96
C HIS B 201 27.65 2.38 -24.59
N PHE B 202 26.67 1.47 -24.55
CA PHE B 202 26.80 0.13 -25.12
C PHE B 202 25.90 0.05 -26.36
N HIS B 203 26.47 -0.20 -27.53
CA HIS B 203 25.72 -0.26 -28.74
C HIS B 203 26.38 -1.27 -29.67
N TYR B 204 25.80 -2.45 -29.81
CA TYR B 204 26.37 -3.49 -30.63
C TYR B 204 25.54 -3.59 -31.89
N GLU B 205 26.19 -3.59 -33.04
CA GLU B 205 25.46 -3.49 -34.27
C GLU B 205 25.44 -4.72 -35.14
N GLY B 206 25.85 -5.84 -34.60
CA GLY B 206 25.81 -7.14 -35.23
C GLY B 206 24.53 -7.60 -35.85
#